data_3STQ
#
_entry.id   3STQ
#
_cell.length_a   91.897
_cell.length_b   113.265
_cell.length_c   143.467
_cell.angle_alpha   90.00
_cell.angle_beta   90.00
_cell.angle_gamma   90.00
#
_symmetry.space_group_name_H-M   'I 21 21 21'
#
loop_
_entity.id
_entity.type
_entity.pdbx_description
1 polymer 'Putative uncharacterized protein'
2 water water
#
_entity_poly.entity_id   1
_entity_poly.type   'polypeptide(L)'
_entity_poly.pdbx_seq_one_letter_code
;MGSSHHHHHHSQDPLEVLFQGPEASMNLKPQTLMVAIQCVAARTRELDAQLQNDDPQNAAELEQLLVGYDLAADDLKNAY
EQALGQYSGLPPYDRLIEEPAS
;
_entity_poly.pdbx_strand_id   A,B,C,D,E,F
#
# COMPACT_ATOMS: atom_id res chain seq x y z
N ASP A 13 11.09 -25.99 -14.20
CA ASP A 13 12.28 -26.16 -13.38
C ASP A 13 12.23 -27.45 -12.55
N PRO A 14 13.04 -28.45 -12.92
CA PRO A 14 12.93 -29.81 -12.36
C PRO A 14 13.01 -29.87 -10.83
N LEU A 15 14.17 -29.55 -10.27
CA LEU A 15 14.39 -29.63 -8.83
C LEU A 15 13.45 -28.73 -8.04
N GLU A 16 12.94 -27.69 -8.68
CA GLU A 16 12.13 -26.72 -7.98
C GLU A 16 10.73 -27.27 -7.64
N VAL A 17 10.06 -27.85 -8.63
CA VAL A 17 8.77 -28.47 -8.37
C VAL A 17 8.95 -29.58 -7.34
N LEU A 18 9.98 -30.36 -7.50
CA LEU A 18 10.32 -31.35 -6.49
C LEU A 18 10.32 -30.78 -5.06
N PHE A 19 10.90 -29.61 -4.85
CA PHE A 19 10.96 -29.05 -3.51
C PHE A 19 9.73 -28.24 -3.09
N GLN A 20 9.12 -27.54 -4.05
CA GLN A 20 8.08 -26.56 -3.73
C GLN A 20 6.71 -26.81 -4.40
N GLY A 21 6.66 -27.76 -5.32
CA GLY A 21 5.42 -28.05 -6.03
C GLY A 21 5.17 -27.04 -7.13
N PRO A 22 4.00 -27.12 -7.77
CA PRO A 22 3.72 -26.30 -8.96
C PRO A 22 3.16 -24.92 -8.61
N GLU A 23 3.05 -24.04 -9.59
CA GLU A 23 2.34 -22.77 -9.45
C GLU A 23 0.87 -23.02 -9.18
N ALA A 24 0.22 -22.04 -8.56
CA ALA A 24 -1.22 -22.11 -8.34
C ALA A 24 -1.89 -20.89 -8.96
N SER A 25 -3.17 -21.04 -9.27
CA SER A 25 -3.96 -19.94 -9.82
C SER A 25 -4.43 -19.05 -8.70
N MET A 26 -4.19 -17.75 -8.83
CA MET A 26 -4.74 -16.79 -7.89
C MET A 26 -5.01 -15.46 -8.59
N ASN A 27 -5.82 -14.63 -7.96
CA ASN A 27 -6.19 -13.34 -8.49
C ASN A 27 -5.58 -12.22 -7.65
N LEU A 28 -4.78 -11.40 -8.29
CA LEU A 28 -4.18 -10.22 -7.66
C LEU A 28 -4.14 -9.13 -8.68
N LYS A 29 -4.20 -7.88 -8.25
CA LYS A 29 -3.98 -6.78 -9.16
C LYS A 29 -2.53 -6.78 -9.59
N PRO A 30 -2.26 -6.31 -10.81
CA PRO A 30 -0.86 -6.20 -11.24
C PRO A 30 0.00 -5.37 -10.26
N GLN A 31 -0.55 -4.30 -9.65
CA GLN A 31 0.20 -3.42 -8.72
C GLN A 31 0.74 -4.20 -7.54
N THR A 32 -0.06 -5.15 -7.09
CA THR A 32 0.26 -5.97 -5.93
C THR A 32 1.52 -6.80 -6.17
N LEU A 33 1.70 -7.27 -7.40
CA LEU A 33 2.90 -8.00 -7.75
C LEU A 33 4.12 -7.05 -7.62
N MET A 34 3.94 -5.77 -7.99
CA MET A 34 5.02 -4.78 -7.88
C MET A 34 5.41 -4.55 -6.42
N VAL A 35 4.41 -4.39 -5.57
CA VAL A 35 4.65 -4.20 -4.14
C VAL A 35 5.33 -5.41 -3.51
N ALA A 36 4.78 -6.60 -3.76
CA ALA A 36 5.35 -7.83 -3.24
C ALA A 36 6.81 -7.94 -3.63
N ILE A 37 7.14 -7.59 -4.87
CA ILE A 37 8.52 -7.72 -5.33
C ILE A 37 9.47 -6.76 -4.59
N GLN A 38 9.08 -5.49 -4.46
CA GLN A 38 9.88 -4.50 -3.72
C GLN A 38 10.06 -4.92 -2.26
N CYS A 39 8.99 -5.30 -1.59
CA CYS A 39 9.07 -5.62 -0.17
C CYS A 39 9.86 -6.88 0.08
N VAL A 40 9.71 -7.88 -0.79
CA VAL A 40 10.49 -9.10 -0.64
C VAL A 40 11.97 -8.82 -0.89
N ALA A 41 12.29 -8.06 -1.92
CA ALA A 41 13.70 -7.69 -2.13
C ALA A 41 14.25 -6.88 -0.93
N ALA A 42 13.48 -5.88 -0.48
CA ALA A 42 13.88 -5.04 0.65
C ALA A 42 14.17 -5.81 1.93
N ARG A 43 13.23 -6.66 2.35
CA ARG A 43 13.39 -7.50 3.53
C ARG A 43 14.56 -8.48 3.44
N THR A 44 14.76 -9.03 2.24
CA THR A 44 15.88 -9.96 1.99
C THR A 44 17.23 -9.30 2.18
N ARG A 45 17.40 -8.10 1.62
CA ARG A 45 18.61 -7.30 1.81
C ARG A 45 18.87 -7.03 3.29
N GLU A 46 17.82 -6.68 4.03
CA GLU A 46 17.99 -6.41 5.47
C GLU A 46 18.40 -7.63 6.23
N LEU A 47 17.72 -8.75 5.96
CA LEU A 47 18.00 -10.00 6.65
C LEU A 47 19.37 -10.54 6.27
N ASP A 48 19.76 -10.37 5.01
CA ASP A 48 21.13 -10.67 4.55
C ASP A 48 22.19 -10.02 5.43
N ALA A 49 21.97 -8.77 5.85
CA ALA A 49 22.95 -8.06 6.66
C ALA A 49 22.87 -8.48 8.13
N GLN A 50 21.96 -9.37 8.46
CA GLN A 50 21.79 -9.79 9.85
C GLN A 50 22.35 -11.17 10.11
N LEU A 51 22.80 -11.85 9.06
CA LEU A 51 23.44 -13.15 9.24
C LEU A 51 24.77 -13.04 9.99
N GLN A 52 25.57 -12.03 9.62
CA GLN A 52 26.87 -11.81 10.24
C GLN A 52 26.75 -11.67 11.76
N ASN A 53 27.20 -12.72 12.45
CA ASN A 53 27.08 -12.82 13.90
C ASN A 53 25.65 -13.03 14.44
N ASP A 54 25.19 -14.27 14.34
CA ASP A 54 24.03 -14.74 15.09
C ASP A 54 24.55 -15.99 15.76
N ASP A 55 23.94 -16.38 16.88
CA ASP A 55 24.23 -17.68 17.45
C ASP A 55 23.78 -18.76 16.45
N PRO A 56 24.39 -19.95 16.50
CA PRO A 56 24.22 -20.94 15.43
C PRO A 56 22.77 -21.38 15.20
N GLN A 57 21.98 -21.48 16.26
CA GLN A 57 20.59 -21.95 16.15
C GLN A 57 19.72 -20.91 15.43
N ASN A 58 19.90 -19.66 15.82
CA ASN A 58 19.18 -18.57 15.21
C ASN A 58 19.59 -18.33 13.75
N ALA A 59 20.88 -18.49 13.46
CA ALA A 59 21.36 -18.24 12.10
C ALA A 59 20.79 -19.32 11.19
N ALA A 60 20.70 -20.55 11.70
CA ALA A 60 20.11 -21.63 10.92
C ALA A 60 18.68 -21.30 10.49
N GLU A 61 17.90 -20.72 11.39
CA GLU A 61 16.49 -20.41 11.10
C GLU A 61 16.41 -19.31 10.08
N LEU A 62 17.24 -18.30 10.29
CA LEU A 62 17.35 -17.23 9.34
C LEU A 62 17.78 -17.75 7.94
N GLU A 63 18.79 -18.61 7.88
CA GLU A 63 19.19 -19.15 6.58
C GLU A 63 17.99 -19.87 5.94
N GLN A 64 17.22 -20.58 6.75
CA GLN A 64 16.13 -21.40 6.22
C GLN A 64 14.98 -20.54 5.71
N LEU A 65 14.76 -19.41 6.37
CA LEU A 65 13.79 -18.40 5.95
C LEU A 65 14.22 -17.72 4.64
N LEU A 66 15.50 -17.37 4.53
CA LEU A 66 16.03 -16.76 3.31
C LEU A 66 15.89 -17.71 2.11
N VAL A 67 16.04 -19.02 2.32
CA VAL A 67 15.80 -19.98 1.24
C VAL A 67 14.41 -19.74 0.67
N GLY A 68 13.42 -19.68 1.56
CA GLY A 68 12.07 -19.37 1.17
C GLY A 68 11.90 -18.02 0.53
N TYR A 69 12.56 -16.99 1.09
CA TYR A 69 12.42 -15.66 0.48
C TYR A 69 13.00 -15.61 -0.94
N ASP A 70 14.17 -16.22 -1.13
CA ASP A 70 14.83 -16.19 -2.43
C ASP A 70 13.98 -16.89 -3.49
N LEU A 71 13.42 -18.05 -3.13
CA LEU A 71 12.59 -18.80 -4.09
C LEU A 71 11.34 -18.01 -4.41
N ALA A 72 10.73 -17.43 -3.38
CA ALA A 72 9.56 -16.60 -3.61
C ALA A 72 9.91 -15.44 -4.55
N ALA A 73 11.08 -14.83 -4.38
CA ALA A 73 11.42 -13.67 -5.22
C ALA A 73 11.55 -14.13 -6.66
N ASP A 74 12.11 -15.32 -6.82
CA ASP A 74 12.22 -15.96 -8.13
C ASP A 74 10.84 -16.21 -8.76
N ASP A 75 9.95 -16.79 -7.95
CA ASP A 75 8.57 -17.03 -8.36
C ASP A 75 7.85 -15.74 -8.79
N LEU A 76 8.02 -14.66 -8.04
CA LEU A 76 7.41 -13.36 -8.36
C LEU A 76 8.00 -12.73 -9.63
N LYS A 77 9.31 -12.84 -9.79
CA LYS A 77 9.97 -12.38 -11.01
C LYS A 77 9.39 -13.03 -12.26
N ASN A 78 9.25 -14.36 -12.25
CA ASN A 78 8.68 -15.05 -13.41
C ASN A 78 7.29 -14.54 -13.76
N ALA A 79 6.45 -14.39 -12.73
CA ALA A 79 5.14 -13.81 -12.92
C ALA A 79 5.20 -12.38 -13.45
N TYR A 80 6.20 -11.62 -13.03
CA TYR A 80 6.30 -10.22 -13.46
C TYR A 80 6.73 -10.13 -14.92
N GLU A 81 7.64 -11.01 -15.33
CA GLU A 81 8.09 -11.07 -16.71
C GLU A 81 6.95 -11.37 -17.68
N GLN A 82 6.07 -12.32 -17.35
CA GLN A 82 4.82 -12.50 -18.12
C GLN A 82 4.00 -11.23 -18.12
N ALA A 83 3.85 -10.62 -16.94
CA ALA A 83 3.04 -9.42 -16.82
C ALA A 83 3.54 -8.32 -17.74
N LEU A 84 4.86 -8.27 -17.95
CA LEU A 84 5.45 -7.27 -18.83
C LEU A 84 4.94 -7.42 -20.27
N GLY A 85 4.45 -8.62 -20.60
CA GLY A 85 3.84 -8.85 -21.90
C GLY A 85 2.32 -8.65 -21.97
N GLN A 86 1.65 -8.60 -20.83
CA GLN A 86 0.19 -8.50 -20.79
C GLN A 86 -0.34 -7.10 -20.46
N TYR A 87 0.52 -6.20 -19.96
CA TYR A 87 0.06 -4.86 -19.63
C TYR A 87 0.99 -3.82 -20.21
N SER A 88 0.55 -2.58 -20.16
CA SER A 88 1.35 -1.47 -20.65
C SER A 88 1.63 -0.53 -19.48
N GLY A 89 2.85 -0.01 -19.41
CA GLY A 89 3.16 0.98 -18.40
C GLY A 89 3.82 0.44 -17.15
N LEU A 90 4.17 -0.85 -17.17
CA LEU A 90 4.89 -1.46 -16.06
C LEU A 90 6.37 -1.15 -16.18
N PRO A 91 7.00 -0.78 -15.07
CA PRO A 91 8.43 -0.55 -15.09
C PRO A 91 9.19 -1.86 -15.36
N PRO A 92 10.35 -1.77 -16.02
CA PRO A 92 11.18 -2.96 -16.21
C PRO A 92 11.52 -3.55 -14.84
N TYR A 93 11.63 -4.87 -14.76
CA TYR A 93 11.90 -5.52 -13.49
C TYR A 93 13.09 -4.89 -12.76
N ASP A 94 14.14 -4.54 -13.51
CA ASP A 94 15.38 -4.03 -12.91
C ASP A 94 15.14 -2.69 -12.22
N ARG A 95 14.22 -1.90 -12.74
CA ARG A 95 13.89 -0.63 -12.11
C ARG A 95 13.06 -0.88 -10.85
N LEU A 96 12.30 -1.98 -10.84
CA LEU A 96 11.37 -2.25 -9.77
C LEU A 96 12.10 -2.52 -8.47
N ILE A 97 13.19 -3.29 -8.55
CA ILE A 97 13.98 -3.65 -7.38
C ILE A 97 15.07 -2.63 -7.01
N GLU A 98 15.33 -1.66 -7.89
CA GLU A 98 16.33 -0.61 -7.62
C GLU A 98 15.70 0.77 -7.41
N ASP B 13 -8.19 49.01 23.24
CA ASP B 13 -8.42 47.71 23.88
C ASP B 13 -7.16 46.86 23.81
N PRO B 14 -6.45 46.72 24.94
CA PRO B 14 -5.19 45.95 24.95
C PRO B 14 -5.30 44.55 24.29
N LEU B 15 -6.46 43.90 24.40
CA LEU B 15 -6.65 42.56 23.82
C LEU B 15 -6.71 42.57 22.29
N GLU B 16 -7.36 43.59 21.73
CA GLU B 16 -7.45 43.76 20.27
C GLU B 16 -6.06 43.99 19.68
N VAL B 17 -5.31 44.86 20.32
CA VAL B 17 -3.95 45.19 19.89
C VAL B 17 -3.07 43.94 19.79
N LEU B 18 -3.19 43.07 20.79
CA LEU B 18 -2.30 41.91 20.92
C LEU B 18 -2.40 40.89 19.78
N PHE B 19 -3.54 40.87 19.08
CA PHE B 19 -3.76 39.94 17.97
C PHE B 19 -3.77 40.70 16.64
N GLN B 20 -3.70 42.01 16.73
CA GLN B 20 -3.68 42.88 15.57
C GLN B 20 -2.63 42.44 14.56
N GLY B 21 -3.02 42.35 13.30
CA GLY B 21 -2.09 41.98 12.26
C GLY B 21 -2.46 42.58 10.92
N PRO B 22 -1.44 42.97 10.13
CA PRO B 22 -1.69 43.38 8.75
C PRO B 22 -2.00 42.14 7.91
N GLU B 23 -3.06 42.20 7.12
CA GLU B 23 -3.40 41.13 6.18
C GLU B 23 -2.38 40.99 5.04
N ALA B 24 -1.27 40.30 5.33
CA ALA B 24 -0.21 40.11 4.33
C ALA B 24 -0.71 39.40 3.06
N SER B 25 -0.08 39.70 1.93
CA SER B 25 -0.39 39.04 0.68
C SER B 25 0.57 37.88 0.51
N MET B 26 0.03 36.69 0.22
CA MET B 26 0.87 35.50 0.06
C MET B 26 0.30 34.54 -0.99
N ASN B 27 1.15 33.69 -1.55
CA ASN B 27 0.67 32.67 -2.48
C ASN B 27 0.48 31.31 -1.82
N LEU B 28 -0.73 30.78 -1.95
CA LEU B 28 -1.05 29.46 -1.46
C LEU B 28 -2.04 28.76 -2.38
N LYS B 29 -1.83 27.47 -2.62
CA LYS B 29 -2.82 26.71 -3.37
C LYS B 29 -4.13 26.68 -2.58
N PRO B 30 -5.26 26.63 -3.28
CA PRO B 30 -6.55 26.45 -2.60
C PRO B 30 -6.60 25.18 -1.75
N GLN B 31 -5.98 24.10 -2.21
CA GLN B 31 -5.97 22.86 -1.45
C GLN B 31 -5.27 23.06 -0.11
N THR B 32 -4.23 23.89 -0.11
CA THR B 32 -3.50 24.20 1.10
C THR B 32 -4.38 24.95 2.07
N LEU B 33 -5.23 25.83 1.53
CA LEU B 33 -6.14 26.61 2.36
C LEU B 33 -7.20 25.69 2.97
N MET B 34 -7.65 24.71 2.20
CA MET B 34 -8.65 23.76 2.70
C MET B 34 -8.10 22.88 3.84
N VAL B 35 -6.88 22.37 3.66
CA VAL B 35 -6.22 21.58 4.69
C VAL B 35 -5.94 22.39 5.98
N ALA B 36 -5.41 23.61 5.85
CA ALA B 36 -5.24 24.53 6.97
C ALA B 36 -6.55 24.71 7.74
N ILE B 37 -7.66 24.84 7.01
CA ILE B 37 -8.97 25.03 7.62
C ILE B 37 -9.32 23.84 8.49
N GLN B 38 -9.25 22.65 7.90
CA GLN B 38 -9.64 21.43 8.59
C GLN B 38 -8.81 21.17 9.84
N CYS B 39 -7.50 21.42 9.75
CA CYS B 39 -6.59 21.10 10.85
C CYS B 39 -6.73 22.08 12.01
N VAL B 40 -6.87 23.37 11.69
CA VAL B 40 -7.18 24.35 12.73
C VAL B 40 -8.50 23.98 13.42
N ALA B 41 -9.51 23.62 12.63
CA ALA B 41 -10.79 23.16 13.17
C ALA B 41 -10.64 21.89 14.02
N ALA B 42 -9.94 20.90 13.48
CA ALA B 42 -9.70 19.66 14.23
C ALA B 42 -8.94 19.93 15.54
N ARG B 43 -7.85 20.68 15.49
CA ARG B 43 -7.10 20.96 16.71
C ARG B 43 -7.92 21.76 17.74
N THR B 44 -8.73 22.68 17.25
CA THR B 44 -9.59 23.46 18.14
C THR B 44 -10.60 22.55 18.88
N ARG B 45 -11.22 21.66 18.12
CA ARG B 45 -12.14 20.69 18.68
C ARG B 45 -11.47 19.79 19.73
N GLU B 46 -10.27 19.28 19.41
CA GLU B 46 -9.51 18.43 20.33
C GLU B 46 -9.11 19.16 21.60
N LEU B 47 -8.63 20.38 21.46
CA LEU B 47 -8.20 21.16 22.61
C LEU B 47 -9.40 21.64 23.45
N ASP B 48 -10.52 21.96 22.79
CA ASP B 48 -11.74 22.27 23.53
C ASP B 48 -12.21 21.08 24.36
N ALA B 49 -12.06 19.87 23.82
CA ALA B 49 -12.41 18.66 24.54
C ALA B 49 -11.53 18.45 25.78
N GLN B 50 -10.26 18.87 25.70
CA GLN B 50 -9.39 18.82 26.89
C GLN B 50 -9.91 19.72 27.99
N LEU B 51 -10.59 20.81 27.64
CA LEU B 51 -11.06 21.77 28.65
C LEU B 51 -11.97 21.07 29.64
N GLN B 52 -12.76 20.15 29.13
CA GLN B 52 -13.70 19.42 29.96
C GLN B 52 -13.01 18.68 31.11
N ASN B 53 -11.67 18.58 31.07
CA ASN B 53 -10.94 17.84 32.10
C ASN B 53 -9.64 18.50 32.61
N ASP B 54 -9.57 19.82 32.53
CA ASP B 54 -8.42 20.58 33.05
C ASP B 54 -8.79 21.37 34.31
N ASP B 55 -7.80 21.67 35.16
CA ASP B 55 -8.01 22.66 36.22
C ASP B 55 -8.14 24.09 35.63
N PRO B 56 -8.67 25.05 36.39
CA PRO B 56 -8.89 26.38 35.79
C PRO B 56 -7.61 27.07 35.25
N GLN B 57 -6.48 26.92 35.93
CA GLN B 57 -5.24 27.54 35.47
C GLN B 57 -4.89 27.04 34.07
N ASN B 58 -4.92 25.73 33.87
CA ASN B 58 -4.59 25.16 32.58
C ASN B 58 -5.66 25.45 31.56
N ALA B 59 -6.91 25.45 31.99
CA ALA B 59 -8.01 25.76 31.09
C ALA B 59 -7.83 27.17 30.54
N ALA B 60 -7.55 28.14 31.43
CA ALA B 60 -7.29 29.54 31.01
C ALA B 60 -6.18 29.66 29.95
N GLU B 61 -5.02 29.06 30.22
CA GLU B 61 -3.89 29.10 29.29
C GLU B 61 -4.32 28.59 27.95
N LEU B 62 -4.96 27.42 27.98
CA LEU B 62 -5.44 26.78 26.78
C LEU B 62 -6.46 27.68 26.09
N GLU B 63 -7.42 28.21 26.83
CA GLU B 63 -8.44 28.95 26.09
C GLU B 63 -7.93 30.29 25.53
N GLN B 64 -6.91 30.88 26.17
CA GLN B 64 -6.28 32.07 25.60
C GLN B 64 -5.57 31.79 24.26
N LEU B 65 -4.96 30.61 24.14
CA LEU B 65 -4.40 30.15 22.87
C LEU B 65 -5.50 30.00 21.84
N LEU B 66 -6.63 29.43 22.27
CA LEU B 66 -7.72 29.13 21.36
C LEU B 66 -8.39 30.39 20.83
N VAL B 67 -8.37 31.47 21.62
CA VAL B 67 -8.79 32.76 21.08
C VAL B 67 -7.99 33.00 19.79
N GLY B 68 -6.69 32.80 19.85
CA GLY B 68 -5.84 32.92 18.68
C GLY B 68 -6.19 31.94 17.58
N TYR B 69 -6.47 30.69 17.93
CA TYR B 69 -6.88 29.72 16.92
C TYR B 69 -8.15 30.17 16.22
N ASP B 70 -9.13 30.63 17.01
CA ASP B 70 -10.43 31.03 16.46
C ASP B 70 -10.31 32.25 15.53
N LEU B 71 -9.41 33.16 15.85
CA LEU B 71 -9.18 34.35 15.01
C LEU B 71 -8.45 33.99 13.72
N ALA B 72 -7.52 33.04 13.79
CA ALA B 72 -6.89 32.55 12.57
C ALA B 72 -7.94 31.84 11.72
N ALA B 73 -8.80 31.07 12.36
CA ALA B 73 -9.87 30.37 11.63
C ALA B 73 -10.73 31.36 10.82
N ASP B 74 -10.97 32.53 11.39
CA ASP B 74 -11.78 33.56 10.75
C ASP B 74 -11.03 34.22 9.59
N ASP B 75 -9.74 34.46 9.76
CA ASP B 75 -8.89 35.00 8.69
C ASP B 75 -8.84 34.03 7.52
N LEU B 76 -8.79 32.72 7.82
CA LEU B 76 -8.74 31.68 6.80
C LEU B 76 -10.08 31.51 6.11
N LYS B 77 -11.16 31.70 6.87
CA LYS B 77 -12.51 31.59 6.33
C LYS B 77 -12.78 32.74 5.34
N ASN B 78 -12.32 33.95 5.67
CA ASN B 78 -12.44 35.07 4.73
C ASN B 78 -11.66 34.81 3.44
N ALA B 79 -10.45 34.29 3.55
CA ALA B 79 -9.65 33.94 2.38
C ALA B 79 -10.37 32.89 1.54
N TYR B 80 -11.09 32.00 2.22
CA TYR B 80 -11.82 30.95 1.52
C TYR B 80 -13.10 31.46 0.87
N GLU B 81 -13.72 32.46 1.50
CA GLU B 81 -14.90 33.09 0.90
C GLU B 81 -14.49 33.75 -0.42
N GLN B 82 -13.40 34.52 -0.38
CA GLN B 82 -12.82 35.12 -1.57
C GLN B 82 -12.45 34.05 -2.59
N ALA B 83 -11.87 32.96 -2.11
CA ALA B 83 -11.46 31.86 -2.99
C ALA B 83 -12.65 31.19 -3.67
N LEU B 84 -13.75 31.02 -2.94
CA LEU B 84 -14.95 30.42 -3.51
C LEU B 84 -15.43 31.23 -4.70
N GLY B 85 -14.91 32.44 -4.84
CA GLY B 85 -15.23 33.30 -5.96
C GLY B 85 -14.43 32.97 -7.20
N GLN B 86 -13.12 33.25 -7.13
CA GLN B 86 -12.25 33.07 -8.30
C GLN B 86 -11.98 31.61 -8.67
N TYR B 87 -12.68 30.68 -8.02
CA TYR B 87 -12.55 29.27 -8.38
C TYR B 87 -13.89 28.57 -8.30
N SER B 88 -13.97 27.42 -8.98
CA SER B 88 -15.16 26.58 -8.92
C SER B 88 -14.70 25.16 -8.64
N GLY B 89 -15.63 24.32 -8.20
CA GLY B 89 -15.30 22.97 -7.81
C GLY B 89 -14.77 22.89 -6.38
N LEU B 90 -14.86 24.02 -5.66
CA LEU B 90 -14.49 24.06 -4.27
C LEU B 90 -15.71 23.77 -3.41
N PRO B 91 -15.55 22.88 -2.43
CA PRO B 91 -16.65 22.56 -1.52
C PRO B 91 -17.03 23.79 -0.71
N PRO B 92 -18.22 23.77 -0.10
CA PRO B 92 -18.64 24.91 0.74
C PRO B 92 -17.79 24.96 2.01
N TYR B 93 -17.75 26.11 2.67
CA TYR B 93 -16.97 26.26 3.89
C TYR B 93 -17.38 25.26 4.96
N ASP B 94 -18.69 25.03 5.09
CA ASP B 94 -19.15 23.93 5.94
C ASP B 94 -18.66 22.63 5.32
N ARG B 95 -18.75 21.54 6.08
CA ARG B 95 -18.27 20.25 5.60
C ARG B 95 -16.74 20.23 5.58
N LEU B 96 -16.14 21.28 5.02
CA LEU B 96 -14.70 21.48 5.10
C LEU B 96 -14.28 21.47 6.55
N ILE B 97 -15.26 21.66 7.44
CA ILE B 97 -14.99 21.91 8.84
C ILE B 97 -15.84 21.03 9.75
N GLU B 98 -16.69 20.20 9.16
CA GLU B 98 -17.48 19.24 9.93
C GLU B 98 -16.56 18.24 10.65
N GLN C 12 2.60 6.50 -15.73
CA GLN C 12 3.82 5.69 -15.76
C GLN C 12 4.74 6.00 -14.59
N ASP C 13 4.42 7.06 -13.85
CA ASP C 13 5.09 7.34 -12.57
C ASP C 13 4.92 6.14 -11.62
N PRO C 14 6.03 5.61 -11.08
CA PRO C 14 5.97 4.44 -10.19
C PRO C 14 4.82 4.53 -9.18
N LEU C 15 4.78 5.59 -8.39
CA LEU C 15 3.75 5.74 -7.36
C LEU C 15 2.34 5.60 -7.92
N GLU C 16 2.13 6.14 -9.12
CA GLU C 16 0.85 6.04 -9.81
C GLU C 16 0.50 4.59 -10.26
N VAL C 17 1.48 3.88 -10.81
CA VAL C 17 1.21 2.49 -11.19
C VAL C 17 0.85 1.66 -9.95
N LEU C 18 1.67 1.78 -8.89
CA LEU C 18 1.42 1.12 -7.60
C LEU C 18 0.02 1.35 -7.05
N PHE C 19 -0.59 2.48 -7.39
CA PHE C 19 -1.92 2.80 -6.88
C PHE C 19 -3.04 2.36 -7.85
N GLN C 20 -2.97 2.83 -9.08
CA GLN C 20 -4.05 2.59 -10.02
C GLN C 20 -3.81 1.41 -10.97
N GLY C 21 -2.59 0.87 -10.98
CA GLY C 21 -2.26 -0.22 -11.89
C GLY C 21 -1.91 0.26 -13.30
N PRO C 22 -1.48 -0.67 -14.16
CA PRO C 22 -0.99 -0.31 -15.50
C PRO C 22 -2.13 -0.02 -16.50
N GLU C 23 -1.78 0.47 -17.68
CA GLU C 23 -2.75 0.58 -18.78
C GLU C 23 -2.95 -0.78 -19.43
N ALA C 24 -4.05 -0.92 -20.15
CA ALA C 24 -4.24 -2.08 -21.01
C ALA C 24 -4.26 -1.62 -22.45
N SER C 25 -3.59 -2.38 -23.31
CA SER C 25 -3.60 -2.11 -24.74
C SER C 25 -4.95 -2.46 -25.32
N MET C 26 -5.46 -1.58 -26.18
CA MET C 26 -6.86 -1.57 -26.57
C MET C 26 -6.98 -0.92 -27.97
N ASN C 27 -7.95 -1.34 -28.76
CA ASN C 27 -8.22 -0.70 -30.06
C ASN C 27 -9.57 -0.02 -30.08
N LEU C 28 -9.56 1.27 -30.34
CA LEU C 28 -10.78 2.08 -30.39
C LEU C 28 -10.64 3.05 -31.52
N LYS C 29 -11.74 3.31 -32.23
CA LYS C 29 -11.73 4.33 -33.28
C LYS C 29 -11.56 5.69 -32.61
N PRO C 30 -10.89 6.62 -33.30
CA PRO C 30 -10.67 7.94 -32.70
C PRO C 30 -11.99 8.62 -32.30
N GLN C 31 -13.04 8.47 -33.13
CA GLN C 31 -14.38 8.98 -32.78
C GLN C 31 -14.78 8.49 -31.40
N THR C 32 -14.57 7.20 -31.17
CA THR C 32 -15.05 6.59 -29.94
C THR C 32 -14.35 7.19 -28.74
N LEU C 33 -13.05 7.40 -28.85
CA LEU C 33 -12.34 8.04 -27.77
C LEU C 33 -12.93 9.43 -27.50
N MET C 34 -13.20 10.17 -28.57
CA MET C 34 -13.78 11.51 -28.43
C MET C 34 -15.16 11.47 -27.77
N VAL C 35 -16.03 10.59 -28.26
CA VAL C 35 -17.35 10.43 -27.67
C VAL C 35 -17.20 10.16 -26.16
N ALA C 36 -16.30 9.25 -25.80
CA ALA C 36 -16.08 8.89 -24.39
C ALA C 36 -15.54 10.06 -23.56
N ILE C 37 -14.68 10.87 -24.16
CA ILE C 37 -14.15 12.05 -23.48
C ILE C 37 -15.29 13.05 -23.20
N GLN C 38 -16.26 13.09 -24.10
CA GLN C 38 -17.42 13.97 -23.97
C GLN C 38 -18.38 13.52 -22.87
N CYS C 39 -18.90 12.30 -23.02
CA CYS C 39 -19.87 11.77 -22.08
C CYS C 39 -19.34 11.66 -20.67
N VAL C 40 -18.03 11.46 -20.52
CA VAL C 40 -17.43 11.44 -19.18
C VAL C 40 -17.38 12.85 -18.58
N ALA C 41 -17.14 13.84 -19.44
CA ALA C 41 -17.09 15.22 -19.00
C ALA C 41 -18.51 15.70 -18.67
N ALA C 42 -19.46 15.35 -19.53
CA ALA C 42 -20.87 15.64 -19.30
C ALA C 42 -21.34 15.06 -17.97
N ARG C 43 -21.04 13.78 -17.75
CA ARG C 43 -21.44 13.12 -16.51
C ARG C 43 -20.70 13.69 -15.32
N THR C 44 -19.42 14.04 -15.51
CA THR C 44 -18.63 14.60 -14.41
C THR C 44 -19.25 15.90 -13.89
N ARG C 45 -19.78 16.73 -14.78
CA ARG C 45 -20.34 18.01 -14.36
C ARG C 45 -21.73 17.88 -13.74
N GLU C 46 -22.57 17.03 -14.33
CA GLU C 46 -23.90 16.77 -13.78
C GLU C 46 -23.78 16.25 -12.36
N LEU C 47 -22.54 16.07 -11.89
CA LEU C 47 -22.29 15.52 -10.56
C LEU C 47 -21.60 16.55 -9.69
N ASP C 48 -20.75 17.37 -10.28
CA ASP C 48 -20.11 18.45 -9.55
C ASP C 48 -21.21 19.38 -9.08
N ALA C 49 -22.13 19.67 -9.99
CA ALA C 49 -23.26 20.54 -9.69
C ALA C 49 -24.10 19.96 -8.56
N GLN C 50 -24.58 18.74 -8.75
CA GLN C 50 -25.40 18.05 -7.76
C GLN C 50 -24.72 17.96 -6.39
N LEU C 51 -23.45 18.34 -6.33
CA LEU C 51 -22.70 18.29 -5.07
C LEU C 51 -23.10 19.40 -4.09
N GLN C 52 -23.94 20.31 -4.56
CA GLN C 52 -24.50 21.38 -3.73
C GLN C 52 -25.17 20.82 -2.47
N ASN C 53 -25.78 19.64 -2.62
CA ASN C 53 -26.42 18.93 -1.51
C ASN C 53 -25.32 18.20 -0.69
N ASP C 54 -25.60 17.13 0.05
CA ASP C 54 -26.89 16.45 0.16
C ASP C 54 -27.15 16.02 1.60
N ASP C 55 -26.67 14.83 1.95
CA ASP C 55 -26.95 14.21 3.26
C ASP C 55 -25.68 14.00 4.09
N PRO C 56 -25.83 13.50 5.33
CA PRO C 56 -24.70 13.18 6.20
C PRO C 56 -23.98 11.89 5.80
N GLN C 57 -24.08 11.52 4.52
CA GLN C 57 -23.48 10.26 4.04
C GLN C 57 -23.04 10.36 2.57
N ASN C 58 -23.89 10.94 1.74
CA ASN C 58 -23.64 11.02 0.30
C ASN C 58 -22.49 11.97 -0.05
N ALA C 59 -22.18 12.88 0.87
CA ALA C 59 -21.10 13.85 0.66
C ALA C 59 -19.75 13.15 0.48
N ALA C 60 -19.62 11.97 1.07
CA ALA C 60 -18.39 11.19 0.93
C ALA C 60 -18.42 10.34 -0.34
N GLU C 61 -19.54 9.64 -0.55
CA GLU C 61 -19.75 8.85 -1.76
C GLU C 61 -19.34 9.64 -2.99
N LEU C 62 -20.09 10.70 -3.27
CA LEU C 62 -19.85 11.51 -4.45
C LEU C 62 -18.43 12.06 -4.47
N GLU C 63 -17.98 12.61 -3.36
CA GLU C 63 -16.66 13.21 -3.30
C GLU C 63 -15.56 12.23 -3.68
N GLN C 64 -15.59 11.03 -3.11
CA GLN C 64 -14.57 10.05 -3.40
C GLN C 64 -14.72 9.54 -4.84
N LEU C 65 -15.96 9.40 -5.30
CA LEU C 65 -16.26 8.94 -6.66
C LEU C 65 -15.77 9.91 -7.72
N LEU C 66 -15.95 11.21 -7.47
CA LEU C 66 -15.51 12.23 -8.41
C LEU C 66 -14.01 12.15 -8.63
N VAL C 67 -13.28 11.81 -7.58
CA VAL C 67 -11.83 11.69 -7.68
C VAL C 67 -11.47 10.53 -8.61
N GLY C 68 -12.26 9.46 -8.54
CA GLY C 68 -12.08 8.33 -9.43
C GLY C 68 -12.37 8.73 -10.86
N TYR C 69 -13.52 9.33 -11.10
CA TYR C 69 -13.90 9.78 -12.43
C TYR C 69 -12.88 10.74 -13.03
N ASP C 70 -12.25 11.53 -12.19
CA ASP C 70 -11.29 12.50 -12.67
C ASP C 70 -10.01 11.83 -13.15
N LEU C 71 -9.60 10.79 -12.42
CA LEU C 71 -8.46 10.00 -12.85
C LEU C 71 -8.74 9.36 -14.20
N ALA C 72 -9.97 8.91 -14.40
CA ALA C 72 -10.38 8.31 -15.65
C ALA C 72 -10.27 9.31 -16.79
N ALA C 73 -10.83 10.50 -16.58
CA ALA C 73 -10.80 11.56 -17.57
C ALA C 73 -9.37 11.90 -17.95
N ASP C 74 -8.47 11.86 -16.97
CA ASP C 74 -7.06 12.15 -17.25
C ASP C 74 -6.38 11.03 -18.04
N ASP C 75 -6.87 9.81 -17.87
CA ASP C 75 -6.35 8.63 -18.56
C ASP C 75 -6.77 8.72 -20.03
N LEU C 76 -8.03 9.08 -20.24
CA LEU C 76 -8.55 9.33 -21.58
C LEU C 76 -7.82 10.49 -22.24
N LYS C 77 -7.56 11.53 -21.48
CA LYS C 77 -6.86 12.70 -22.01
C LYS C 77 -5.48 12.33 -22.54
N ASN C 78 -4.72 11.55 -21.78
CA ASN C 78 -3.41 11.11 -22.27
C ASN C 78 -3.49 10.30 -23.58
N ALA C 79 -4.52 9.46 -23.70
CA ALA C 79 -4.72 8.67 -24.91
C ALA C 79 -5.02 9.61 -26.09
N TYR C 80 -5.86 10.60 -25.85
CA TYR C 80 -6.20 11.56 -26.88
C TYR C 80 -4.96 12.33 -27.37
N GLU C 81 -4.01 12.53 -26.48
CA GLU C 81 -2.87 13.39 -26.79
C GLU C 81 -1.65 12.59 -27.22
N GLN C 82 -1.72 11.27 -27.11
CA GLN C 82 -0.55 10.44 -27.39
C GLN C 82 -0.82 9.34 -28.42
N ALA C 83 -2.07 8.90 -28.54
CA ALA C 83 -2.37 7.75 -29.39
C ALA C 83 -2.78 8.13 -30.82
N LEU C 84 -3.03 9.41 -31.08
CA LEU C 84 -3.69 9.81 -32.31
C LEU C 84 -2.87 10.71 -33.21
N GLY C 85 -1.55 10.56 -33.15
CA GLY C 85 -0.63 11.42 -33.88
C GLY C 85 -0.63 11.20 -35.38
N GLN C 86 -1.18 10.07 -35.83
CA GLN C 86 -1.25 9.81 -37.28
C GLN C 86 -2.38 10.62 -37.90
N TYR C 87 -3.30 11.10 -37.07
CA TYR C 87 -4.42 11.93 -37.53
C TYR C 87 -4.09 13.42 -37.59
N SER C 88 -4.90 14.16 -38.34
CA SER C 88 -4.71 15.61 -38.46
C SER C 88 -6.03 16.34 -38.23
N GLY C 89 -5.92 17.63 -37.96
CA GLY C 89 -7.09 18.46 -37.69
C GLY C 89 -7.92 18.04 -36.50
N LEU C 90 -7.31 17.37 -35.52
CA LEU C 90 -8.02 17.00 -34.29
C LEU C 90 -8.41 18.24 -33.49
N PRO C 91 -9.65 18.27 -32.97
CA PRO C 91 -9.99 19.39 -32.09
C PRO C 91 -9.08 19.42 -30.86
N PRO C 92 -8.85 20.61 -30.28
CA PRO C 92 -8.08 20.64 -29.04
C PRO C 92 -8.86 19.91 -27.95
N TYR C 93 -8.14 19.25 -27.05
CA TYR C 93 -8.77 18.54 -25.94
C TYR C 93 -9.74 19.45 -25.19
N ASP C 94 -9.27 20.65 -24.86
CA ASP C 94 -10.09 21.62 -24.13
C ASP C 94 -11.44 21.89 -24.80
N ARG C 95 -11.49 21.78 -26.12
CA ARG C 95 -12.77 21.92 -26.81
C ARG C 95 -13.65 20.70 -26.60
N LEU C 96 -13.01 19.54 -26.53
CA LEU C 96 -13.71 18.27 -26.40
C LEU C 96 -14.54 18.19 -25.13
N ILE C 97 -13.98 18.68 -24.03
CA ILE C 97 -14.71 18.77 -22.76
C ILE C 97 -16.06 19.43 -22.96
N ASP D 13 8.24 -24.70 11.60
CA ASP D 13 6.94 -25.13 11.09
C ASP D 13 6.46 -24.20 9.97
N PRO D 14 6.24 -22.90 10.28
CA PRO D 14 5.99 -21.99 9.15
C PRO D 14 7.17 -21.98 8.17
N LEU D 15 8.37 -22.30 8.65
CA LEU D 15 9.54 -22.39 7.77
C LEU D 15 9.37 -23.52 6.73
N GLU D 16 8.77 -24.64 7.13
CA GLU D 16 8.47 -25.71 6.17
C GLU D 16 7.46 -25.26 5.10
N VAL D 17 6.35 -24.65 5.55
CA VAL D 17 5.30 -24.24 4.62
C VAL D 17 5.75 -23.10 3.72
N LEU D 18 6.51 -22.16 4.27
CA LEU D 18 7.08 -21.05 3.49
C LEU D 18 8.02 -21.57 2.41
N PHE D 19 8.58 -22.76 2.64
CA PHE D 19 9.52 -23.38 1.71
C PHE D 19 8.79 -24.35 0.77
N GLN D 20 8.21 -25.40 1.34
CA GLN D 20 7.58 -26.47 0.55
C GLN D 20 6.09 -26.28 0.25
N GLY D 21 5.43 -25.37 0.96
CA GLY D 21 4.02 -25.13 0.68
C GLY D 21 3.07 -26.00 1.49
N PRO D 22 1.76 -25.80 1.33
CA PRO D 22 0.76 -26.53 2.11
C PRO D 22 0.46 -27.92 1.56
N GLU D 23 -0.44 -28.64 2.22
CA GLU D 23 -0.88 -29.95 1.77
C GLU D 23 -2.07 -29.82 0.83
N ALA D 24 -2.30 -30.82 0.01
CA ALA D 24 -3.51 -30.85 -0.79
C ALA D 24 -4.39 -31.97 -0.30
N SER D 25 -5.69 -31.71 -0.15
CA SER D 25 -6.66 -32.76 0.19
C SER D 25 -6.89 -33.70 -0.99
N MET D 26 -6.90 -34.99 -0.68
CA MET D 26 -6.71 -36.03 -1.67
C MET D 26 -7.39 -37.30 -1.13
N ASN D 27 -7.79 -38.21 -2.01
CA ASN D 27 -8.36 -39.53 -1.65
C ASN D 27 -7.54 -40.69 -2.26
N LEU D 28 -7.04 -41.57 -1.40
CA LEU D 28 -6.25 -42.69 -1.87
C LEU D 28 -6.62 -43.85 -0.99
N LYS D 29 -6.55 -45.07 -1.53
CA LYS D 29 -6.77 -46.26 -0.71
C LYS D 29 -5.56 -46.40 0.22
N PRO D 30 -5.77 -46.98 1.40
CA PRO D 30 -4.65 -47.14 2.34
C PRO D 30 -3.54 -47.98 1.73
N GLN D 31 -3.88 -49.01 0.95
CA GLN D 31 -2.87 -49.84 0.31
C GLN D 31 -2.11 -49.04 -0.76
N THR D 32 -2.79 -48.08 -1.38
CA THR D 32 -2.08 -47.19 -2.29
C THR D 32 -1.00 -46.36 -1.55
N LEU D 33 -1.34 -45.85 -0.36
CA LEU D 33 -0.38 -45.07 0.43
C LEU D 33 0.79 -45.96 0.88
N MET D 34 0.47 -47.16 1.34
CA MET D 34 1.49 -48.13 1.74
C MET D 34 2.44 -48.45 0.58
N VAL D 35 1.90 -48.65 -0.61
CA VAL D 35 2.70 -48.87 -1.81
C VAL D 35 3.59 -47.67 -2.19
N ALA D 36 3.04 -46.46 -2.16
CA ALA D 36 3.83 -45.26 -2.45
C ALA D 36 5.01 -45.17 -1.50
N ILE D 37 4.76 -45.49 -0.22
CA ILE D 37 5.77 -45.42 0.82
C ILE D 37 6.89 -46.43 0.60
N GLN D 38 6.55 -47.58 0.04
CA GLN D 38 7.52 -48.64 -0.21
C GLN D 38 8.35 -48.35 -1.43
N CYS D 39 7.72 -47.81 -2.46
CA CYS D 39 8.42 -47.49 -3.69
C CYS D 39 9.28 -46.24 -3.58
N VAL D 40 8.93 -45.34 -2.66
CA VAL D 40 9.73 -44.14 -2.46
C VAL D 40 10.96 -44.54 -1.65
N ALA D 41 10.76 -45.36 -0.62
CA ALA D 41 11.85 -45.95 0.13
C ALA D 41 12.82 -46.69 -0.79
N ALA D 42 12.29 -47.63 -1.58
CA ALA D 42 13.14 -48.44 -2.46
C ALA D 42 13.95 -47.56 -3.42
N ARG D 43 13.32 -46.55 -4.00
CA ARG D 43 14.05 -45.68 -4.91
C ARG D 43 15.10 -44.87 -4.16
N THR D 44 14.93 -44.75 -2.86
CA THR D 44 15.81 -43.93 -2.04
C THR D 44 17.12 -44.66 -1.75
N ARG D 45 17.03 -45.98 -1.62
CA ARG D 45 18.22 -46.82 -1.50
C ARG D 45 18.97 -46.84 -2.82
N GLU D 46 18.28 -47.19 -3.90
CA GLU D 46 18.92 -47.25 -5.21
C GLU D 46 19.65 -45.96 -5.53
N LEU D 47 19.13 -44.84 -5.04
CA LEU D 47 19.79 -43.55 -5.26
C LEU D 47 20.94 -43.33 -4.28
N ASP D 48 20.70 -43.57 -3.00
CA ASP D 48 21.74 -43.44 -1.99
C ASP D 48 22.94 -44.29 -2.39
N ALA D 49 22.68 -45.56 -2.68
CA ALA D 49 23.71 -46.51 -3.09
C ALA D 49 24.60 -45.91 -4.17
N GLN D 50 24.01 -45.15 -5.08
CA GLN D 50 24.77 -44.50 -6.14
C GLN D 50 25.63 -43.35 -5.63
N LEU D 51 25.89 -43.34 -4.32
CA LEU D 51 26.72 -42.30 -3.72
C LEU D 51 27.50 -42.85 -2.54
N GLN D 52 26.80 -43.04 -1.43
CA GLN D 52 27.42 -43.43 -0.17
C GLN D 52 27.68 -44.92 -0.12
N ASN D 53 28.70 -45.32 -0.87
CA ASN D 53 29.12 -46.71 -1.07
C ASN D 53 29.28 -46.97 -2.56
N ASP D 54 30.36 -46.43 -3.12
CA ASP D 54 30.66 -46.52 -4.53
C ASP D 54 29.81 -45.54 -5.32
N ASP D 55 30.00 -45.52 -6.64
CA ASP D 55 29.16 -44.76 -7.53
C ASP D 55 29.25 -43.27 -7.22
N PRO D 56 29.70 -42.46 -8.19
CA PRO D 56 29.77 -41.01 -8.02
C PRO D 56 29.05 -40.24 -9.14
N GLN D 57 29.83 -39.71 -10.08
CA GLN D 57 29.34 -39.03 -11.28
C GLN D 57 28.83 -37.61 -11.01
N ASN D 58 27.60 -37.40 -11.47
CA ASN D 58 26.82 -36.18 -11.20
C ASN D 58 25.57 -36.53 -10.42
N ALA D 59 25.51 -36.32 -9.08
CA ALA D 59 26.52 -35.73 -8.19
C ALA D 59 25.81 -34.71 -7.30
N ALA D 60 25.84 -33.45 -7.74
CA ALA D 60 25.11 -32.39 -7.06
C ALA D 60 23.62 -32.61 -7.30
N GLU D 61 23.24 -32.67 -8.58
CA GLU D 61 21.86 -32.85 -8.98
C GLU D 61 21.22 -34.08 -8.33
N LEU D 62 22.04 -35.07 -8.00
CA LEU D 62 21.54 -36.32 -7.42
C LEU D 62 21.39 -36.22 -5.91
N GLU D 63 22.27 -35.45 -5.27
CA GLU D 63 22.17 -35.20 -3.85
C GLU D 63 20.87 -34.47 -3.53
N GLN D 64 20.56 -33.46 -4.34
CA GLN D 64 19.37 -32.66 -4.13
C GLN D 64 18.14 -33.55 -4.32
N LEU D 65 18.12 -34.29 -5.41
CA LEU D 65 17.03 -35.22 -5.71
C LEU D 65 16.72 -36.09 -4.51
N LEU D 66 17.77 -36.64 -3.89
CA LEU D 66 17.58 -37.52 -2.75
C LEU D 66 16.96 -36.75 -1.61
N VAL D 67 17.25 -35.46 -1.53
CA VAL D 67 16.73 -34.64 -0.44
C VAL D 67 15.21 -34.42 -0.62
N GLY D 68 14.81 -34.10 -1.84
CA GLY D 68 13.40 -34.01 -2.19
C GLY D 68 12.63 -35.28 -1.84
N TYR D 69 13.17 -36.44 -2.20
CA TYR D 69 12.52 -37.73 -1.89
C TYR D 69 12.35 -37.94 -0.39
N ASP D 70 13.33 -37.54 0.39
CA ASP D 70 13.24 -37.69 1.85
C ASP D 70 12.13 -36.83 2.46
N LEU D 71 11.98 -35.61 1.94
CA LEU D 71 10.92 -34.72 2.38
C LEU D 71 9.56 -35.31 1.98
N ALA D 72 9.51 -35.87 0.77
CA ALA D 72 8.32 -36.56 0.27
C ALA D 72 7.97 -37.75 1.13
N ALA D 73 8.99 -38.52 1.50
CA ALA D 73 8.79 -39.68 2.34
C ALA D 73 8.21 -39.27 3.68
N ASP D 74 8.70 -38.16 4.24
CA ASP D 74 8.15 -37.72 5.51
C ASP D 74 6.71 -37.26 5.40
N ASP D 75 6.38 -36.61 4.28
CA ASP D 75 5.02 -36.21 4.00
C ASP D 75 4.06 -37.45 3.96
N LEU D 76 4.48 -38.50 3.27
CA LEU D 76 3.74 -39.78 3.21
C LEU D 76 3.60 -40.44 4.58
N LYS D 77 4.70 -40.49 5.32
CA LYS D 77 4.69 -41.02 6.68
C LYS D 77 3.66 -40.30 7.56
N ASN D 78 3.55 -38.99 7.41
CA ASN D 78 2.60 -38.25 8.23
C ASN D 78 1.14 -38.67 7.93
N ALA D 79 0.81 -38.80 6.65
CA ALA D 79 -0.53 -39.25 6.24
C ALA D 79 -0.77 -40.68 6.72
N TYR D 80 0.25 -41.52 6.58
CA TYR D 80 0.16 -42.86 7.12
C TYR D 80 -0.17 -42.88 8.62
N GLU D 81 0.42 -41.95 9.37
CA GLU D 81 0.24 -41.91 10.82
C GLU D 81 -0.99 -41.16 11.25
N GLN D 82 -1.53 -40.32 10.38
CA GLN D 82 -2.64 -39.45 10.79
C GLN D 82 -3.98 -39.72 10.13
N ALA D 83 -3.98 -40.20 8.89
CA ALA D 83 -5.22 -40.28 8.09
C ALA D 83 -5.97 -41.64 8.16
N LEU D 84 -5.37 -42.61 8.82
CA LEU D 84 -5.84 -43.99 8.77
C LEU D 84 -6.40 -44.46 10.10
N GLY D 85 -6.84 -43.51 10.91
CA GLY D 85 -7.37 -43.80 12.22
C GLY D 85 -8.54 -44.79 12.26
N GLN D 86 -9.30 -44.90 11.17
CA GLN D 86 -10.45 -45.81 11.16
C GLN D 86 -10.01 -47.26 10.98
N TYR D 87 -8.81 -47.45 10.48
CA TYR D 87 -8.31 -48.80 10.27
C TYR D 87 -7.67 -49.39 11.53
N SER D 88 -7.39 -50.68 11.51
CA SER D 88 -6.81 -51.35 12.66
C SER D 88 -5.75 -52.32 12.17
N GLY D 89 -4.90 -52.79 13.09
CA GLY D 89 -3.85 -53.74 12.74
C GLY D 89 -2.89 -53.25 11.66
N LEU D 90 -2.67 -51.94 11.61
CA LEU D 90 -1.78 -51.36 10.60
C LEU D 90 -0.32 -51.73 10.87
N PRO D 91 0.40 -52.13 9.82
CA PRO D 91 1.83 -52.39 9.95
C PRO D 91 2.54 -51.17 10.52
N PRO D 92 3.44 -51.38 11.49
CA PRO D 92 4.33 -50.30 11.96
C PRO D 92 5.00 -49.65 10.75
N TYR D 93 5.12 -48.33 10.76
CA TYR D 93 5.75 -47.61 9.65
C TYR D 93 7.13 -48.15 9.25
N ASP D 94 7.90 -48.61 10.23
CA ASP D 94 9.24 -49.13 9.96
C ASP D 94 9.21 -50.37 9.08
N ARG D 95 8.24 -51.25 9.32
CA ARG D 95 8.13 -52.48 8.55
C ARG D 95 7.86 -52.16 7.08
N LEU D 96 7.14 -51.07 6.84
CA LEU D 96 6.86 -50.63 5.48
C LEU D 96 8.12 -50.23 4.70
N ILE D 97 9.09 -49.61 5.40
CA ILE D 97 10.27 -49.11 4.70
C ILE D 97 11.48 -50.04 4.78
N GLU D 98 11.28 -51.25 5.30
CA GLU D 98 12.37 -52.23 5.36
C GLU D 98 12.65 -52.81 3.98
N ASP E 13 -14.93 -0.06 -0.53
CA ASP E 13 -15.90 -0.85 -1.30
C ASP E 13 -15.47 -0.82 -2.77
N PRO E 14 -16.40 -1.06 -3.71
CA PRO E 14 -16.00 -0.84 -5.10
C PRO E 14 -16.87 0.19 -5.84
N LEU E 15 -16.44 1.44 -5.96
CA LEU E 15 -15.16 1.97 -5.43
C LEU E 15 -13.88 1.27 -5.90
N GLU E 16 -13.25 0.52 -5.01
CA GLU E 16 -11.99 -0.19 -5.28
C GLU E 16 -11.63 -0.28 -6.76
N VAL E 17 -12.54 -0.85 -7.55
CA VAL E 17 -12.26 -1.08 -8.96
C VAL E 17 -12.14 0.23 -9.71
N LEU E 18 -12.98 1.19 -9.34
CA LEU E 18 -12.91 2.53 -9.89
C LEU E 18 -11.51 3.10 -9.76
N PHE E 19 -10.84 2.79 -8.64
CA PHE E 19 -9.55 3.37 -8.34
C PHE E 19 -8.37 2.49 -8.75
N GLN E 20 -8.50 1.18 -8.55
CA GLN E 20 -7.36 0.26 -8.71
C GLN E 20 -7.51 -0.78 -9.81
N GLY E 21 -8.66 -0.78 -10.48
CA GLY E 21 -8.89 -1.77 -11.51
C GLY E 21 -9.20 -3.12 -10.91
N PRO E 22 -9.50 -4.09 -11.78
CA PRO E 22 -9.92 -5.41 -11.33
C PRO E 22 -8.74 -6.31 -10.97
N GLU E 23 -9.05 -7.49 -10.42
CA GLU E 23 -8.05 -8.49 -10.14
C GLU E 23 -7.56 -9.06 -11.48
N ALA E 24 -6.32 -9.54 -11.51
CA ALA E 24 -5.83 -10.26 -12.68
C ALA E 24 -5.51 -11.70 -12.32
N SER E 25 -5.51 -12.57 -13.33
CA SER E 25 -5.16 -13.98 -13.18
C SER E 25 -3.66 -14.17 -13.14
N MET E 26 -3.17 -14.84 -12.09
CA MET E 26 -1.76 -14.98 -11.85
C MET E 26 -1.41 -16.38 -11.43
N ASN E 27 -0.20 -16.80 -11.76
CA ASN E 27 0.32 -18.06 -11.25
C ASN E 27 1.50 -17.90 -10.28
N LEU E 28 1.28 -18.27 -9.02
CA LEU E 28 2.33 -18.26 -8.02
C LEU E 28 2.16 -19.46 -7.09
N LYS E 29 3.26 -19.92 -6.50
CA LYS E 29 3.14 -20.92 -5.45
C LYS E 29 2.44 -20.31 -4.24
N PRO E 30 1.72 -21.13 -3.45
CA PRO E 30 1.06 -20.63 -2.24
C PRO E 30 2.04 -20.04 -1.22
N GLN E 31 3.22 -20.67 -1.09
CA GLN E 31 4.33 -20.17 -0.27
C GLN E 31 4.68 -18.74 -0.62
N THR E 32 4.63 -18.44 -1.91
CA THR E 32 5.04 -17.13 -2.41
C THR E 32 4.09 -16.05 -1.91
N LEU E 33 2.81 -16.40 -1.85
CA LEU E 33 1.77 -15.52 -1.34
C LEU E 33 2.01 -15.31 0.17
N MET E 34 2.34 -16.39 0.87
CA MET E 34 2.69 -16.33 2.27
C MET E 34 3.92 -15.43 2.53
N VAL E 35 5.00 -15.64 1.78
CA VAL E 35 6.20 -14.83 1.89
C VAL E 35 5.90 -13.36 1.57
N ALA E 36 5.10 -13.11 0.52
CA ALA E 36 4.77 -11.74 0.16
C ALA E 36 3.97 -11.04 1.26
N ILE E 37 3.00 -11.73 1.83
CA ILE E 37 2.19 -11.19 2.92
C ILE E 37 3.12 -10.81 4.09
N GLN E 38 4.03 -11.72 4.41
CA GLN E 38 4.94 -11.52 5.52
C GLN E 38 5.85 -10.32 5.27
N CYS E 39 6.42 -10.21 4.07
CA CYS E 39 7.36 -9.12 3.78
C CYS E 39 6.69 -7.77 3.63
N VAL E 40 5.49 -7.75 3.04
CA VAL E 40 4.74 -6.51 2.92
C VAL E 40 4.38 -5.94 4.31
N ALA E 41 3.97 -6.82 5.23
CA ALA E 41 3.65 -6.39 6.60
C ALA E 41 4.88 -5.87 7.30
N ALA E 42 5.98 -6.60 7.20
CA ALA E 42 7.22 -6.24 7.87
C ALA E 42 7.70 -4.90 7.34
N ARG E 43 7.69 -4.78 6.03
CA ARG E 43 8.23 -3.60 5.41
C ARG E 43 7.36 -2.36 5.67
N THR E 44 6.06 -2.56 5.73
CA THR E 44 5.13 -1.47 6.02
C THR E 44 5.37 -0.92 7.45
N ARG E 45 5.51 -1.80 8.44
CA ARG E 45 5.91 -1.38 9.79
C ARG E 45 7.18 -0.54 9.79
N GLU E 46 8.21 -1.00 9.11
CA GLU E 46 9.49 -0.30 9.06
C GLU E 46 9.36 1.08 8.45
N LEU E 47 8.58 1.19 7.37
CA LEU E 47 8.32 2.48 6.75
C LEU E 47 7.41 3.37 7.61
N ASP E 48 6.44 2.77 8.31
CA ASP E 48 5.64 3.53 9.27
C ASP E 48 6.57 4.19 10.31
N ALA E 49 7.57 3.43 10.77
CA ALA E 49 8.48 3.93 11.77
C ALA E 49 9.30 5.10 11.22
N GLN E 50 9.83 4.93 10.01
CA GLN E 50 10.61 5.98 9.33
C GLN E 50 9.85 7.26 9.17
N LEU E 51 8.55 7.14 8.88
CA LEU E 51 7.68 8.30 8.76
C LEU E 51 7.77 9.23 9.97
N GLN E 52 7.93 8.64 11.16
CA GLN E 52 7.89 9.46 12.38
C GLN E 52 9.07 10.44 12.41
N ASN E 53 10.12 10.16 11.65
CA ASN E 53 11.26 11.04 11.62
C ASN E 53 11.62 11.64 10.27
N ASP E 54 10.63 11.74 9.38
CA ASP E 54 10.77 12.39 8.07
C ASP E 54 10.25 13.83 8.09
N ASP E 55 10.94 14.72 7.40
CA ASP E 55 10.40 16.05 7.06
C ASP E 55 9.23 15.89 6.08
N PRO E 56 8.39 16.94 5.93
CA PRO E 56 7.23 16.83 5.03
C PRO E 56 7.66 16.64 3.58
N GLN E 57 8.88 17.06 3.27
CA GLN E 57 9.43 16.89 1.94
C GLN E 57 9.41 15.41 1.51
N ASN E 58 10.09 14.57 2.28
CA ASN E 58 10.15 13.15 1.96
C ASN E 58 8.90 12.41 2.38
N ALA E 59 8.25 12.94 3.40
CA ALA E 59 7.09 12.28 3.99
C ALA E 59 5.99 12.03 2.96
N ALA E 60 5.72 13.01 2.10
CA ALA E 60 4.62 12.92 1.13
C ALA E 60 4.80 11.78 0.14
N GLU E 61 6.02 11.61 -0.38
CA GLU E 61 6.31 10.49 -1.27
C GLU E 61 6.12 9.17 -0.56
N LEU E 62 6.64 9.09 0.66
CA LEU E 62 6.51 7.88 1.48
C LEU E 62 5.04 7.60 1.85
N GLU E 63 4.27 8.62 2.18
CA GLU E 63 2.85 8.44 2.46
C GLU E 63 2.16 7.85 1.22
N GLN E 64 2.55 8.34 0.05
CA GLN E 64 1.90 7.91 -1.17
C GLN E 64 2.34 6.47 -1.49
N LEU E 65 3.59 6.14 -1.22
CA LEU E 65 4.04 4.76 -1.39
C LEU E 65 3.24 3.82 -0.48
N LEU E 66 2.95 4.27 0.75
CA LEU E 66 2.24 3.45 1.72
C LEU E 66 0.78 3.20 1.34
N VAL E 67 0.12 4.19 0.75
CA VAL E 67 -1.21 3.94 0.18
C VAL E 67 -1.15 2.68 -0.72
N GLY E 68 -0.17 2.65 -1.62
CA GLY E 68 0.05 1.51 -2.47
C GLY E 68 0.33 0.22 -1.71
N TYR E 69 1.21 0.31 -0.72
CA TYR E 69 1.58 -0.90 0.03
C TYR E 69 0.39 -1.43 0.79
N ASP E 70 -0.38 -0.54 1.39
CA ASP E 70 -1.55 -0.96 2.16
C ASP E 70 -2.65 -1.59 1.31
N LEU E 71 -2.94 -0.99 0.16
CA LEU E 71 -3.92 -1.57 -0.76
C LEU E 71 -3.47 -2.97 -1.21
N ALA E 72 -2.18 -3.12 -1.52
CA ALA E 72 -1.67 -4.43 -1.91
C ALA E 72 -1.75 -5.41 -0.78
N ALA E 73 -1.53 -4.95 0.45
CA ALA E 73 -1.66 -5.86 1.58
C ALA E 73 -3.11 -6.40 1.70
N ASP E 74 -4.09 -5.52 1.48
CA ASP E 74 -5.49 -5.94 1.45
C ASP E 74 -5.74 -6.92 0.31
N ASP E 75 -5.18 -6.63 -0.86
CA ASP E 75 -5.31 -7.50 -2.02
C ASP E 75 -4.73 -8.90 -1.71
N LEU E 76 -3.53 -8.94 -1.12
CA LEU E 76 -2.92 -10.19 -0.70
C LEU E 76 -3.76 -10.93 0.32
N LYS E 77 -4.31 -10.18 1.28
CA LYS E 77 -5.12 -10.81 2.32
C LYS E 77 -6.37 -11.52 1.78
N ASN E 78 -7.10 -10.84 0.88
CA ASN E 78 -8.23 -11.47 0.20
C ASN E 78 -7.84 -12.77 -0.49
N ALA E 79 -6.69 -12.77 -1.19
CA ALA E 79 -6.23 -13.98 -1.87
C ALA E 79 -5.94 -15.06 -0.85
N TYR E 80 -5.39 -14.68 0.29
CA TYR E 80 -5.07 -15.67 1.31
C TYR E 80 -6.34 -16.25 1.93
N GLU E 81 -7.37 -15.42 2.07
CA GLU E 81 -8.63 -15.90 2.64
C GLU E 81 -9.22 -16.97 1.72
N GLN E 82 -9.20 -16.71 0.41
CA GLN E 82 -9.52 -17.73 -0.59
C GLN E 82 -8.66 -18.99 -0.42
N ALA E 83 -7.35 -18.80 -0.30
CA ALA E 83 -6.42 -19.91 -0.15
C ALA E 83 -6.76 -20.79 1.05
N LEU E 84 -7.20 -20.16 2.13
CA LEU E 84 -7.52 -20.92 3.34
C LEU E 84 -8.63 -21.93 3.06
N GLY E 85 -9.42 -21.68 2.01
CA GLY E 85 -10.43 -22.63 1.60
C GLY E 85 -10.10 -23.50 0.40
N GLN E 86 -8.83 -23.50 -0.03
CA GLN E 86 -8.42 -24.25 -1.22
C GLN E 86 -7.27 -25.20 -0.94
N TYR E 87 -6.62 -25.04 0.21
CA TYR E 87 -5.46 -25.86 0.56
C TYR E 87 -5.51 -26.24 2.02
N SER E 88 -4.79 -27.31 2.38
CA SER E 88 -4.80 -27.79 3.76
C SER E 88 -3.47 -27.49 4.46
N GLY E 89 -3.55 -27.24 5.77
CA GLY E 89 -2.37 -26.96 6.58
C GLY E 89 -1.79 -25.56 6.50
N LEU E 90 -2.55 -24.57 6.03
CA LEU E 90 -2.09 -23.17 6.02
C LEU E 90 -2.26 -22.53 7.40
N PRO E 91 -1.26 -21.74 7.83
CA PRO E 91 -1.38 -21.06 9.12
C PRO E 91 -2.44 -19.96 9.08
N PRO E 92 -2.98 -19.59 10.25
CA PRO E 92 -3.90 -18.44 10.29
C PRO E 92 -3.21 -17.17 9.77
N TYR E 93 -3.96 -16.36 9.04
CA TYR E 93 -3.45 -15.17 8.43
C TYR E 93 -2.67 -14.27 9.40
N ASP E 94 -3.12 -14.20 10.65
CA ASP E 94 -2.45 -13.36 11.65
C ASP E 94 -1.06 -13.85 12.01
N ARG E 95 -0.80 -15.15 11.88
CA ARG E 95 0.53 -15.65 12.20
C ARG E 95 1.55 -15.21 11.15
N LEU E 96 1.08 -14.89 9.94
CA LEU E 96 1.95 -14.42 8.85
C LEU E 96 2.40 -12.96 9.00
N ILE E 97 1.53 -12.12 9.56
CA ILE E 97 1.85 -10.70 9.71
C ILE E 97 2.34 -10.31 11.09
N GLU E 98 2.47 -11.25 12.01
CA GLU E 98 2.86 -10.91 13.37
C GLU E 98 4.31 -10.47 13.40
N GLY F 21 -2.81 22.11 -8.47
CA GLY F 21 -3.52 23.36 -8.29
C GLY F 21 -2.64 24.59 -8.46
N PRO F 22 -3.25 25.74 -8.79
CA PRO F 22 -2.51 26.99 -8.98
C PRO F 22 -2.29 27.73 -7.65
N GLU F 23 -1.17 28.44 -7.52
CA GLU F 23 -0.88 29.22 -6.31
C GLU F 23 -1.71 30.50 -6.24
N ALA F 24 -2.95 30.40 -5.78
CA ALA F 24 -3.76 31.60 -5.55
C ALA F 24 -3.03 32.59 -4.63
N SER F 25 -3.08 33.87 -4.99
CA SER F 25 -2.56 34.88 -4.09
C SER F 25 -3.72 35.26 -3.17
N MET F 26 -3.42 35.43 -1.88
CA MET F 26 -4.45 35.73 -0.90
C MET F 26 -3.90 36.61 0.22
N ASN F 27 -4.79 37.03 1.11
CA ASN F 27 -4.40 37.82 2.27
C ASN F 27 -4.68 37.11 3.58
N LEU F 28 -3.64 37.01 4.40
CA LEU F 28 -3.73 36.39 5.72
C LEU F 28 -2.72 37.06 6.62
N LYS F 29 -3.07 37.19 7.91
CA LYS F 29 -2.12 37.72 8.86
C LYS F 29 -1.00 36.70 9.04
N PRO F 30 0.23 37.17 9.28
CA PRO F 30 1.34 36.25 9.54
C PRO F 30 1.07 35.36 10.74
N GLN F 31 0.26 35.83 11.70
CA GLN F 31 -0.13 35.06 12.86
C GLN F 31 -1.10 33.94 12.46
N THR F 32 -1.93 34.21 11.45
CA THR F 32 -2.81 33.17 10.93
C THR F 32 -2.00 32.06 10.25
N LEU F 33 -1.06 32.46 9.40
CA LEU F 33 -0.13 31.51 8.82
C LEU F 33 0.57 30.69 9.88
N MET F 34 1.01 31.35 10.97
CA MET F 34 1.67 30.63 12.06
C MET F 34 0.76 29.56 12.68
N VAL F 35 -0.50 29.92 12.89
CA VAL F 35 -1.45 28.98 13.44
C VAL F 35 -1.70 27.78 12.51
N ALA F 36 -1.82 28.04 11.21
CA ALA F 36 -2.04 26.98 10.23
C ALA F 36 -0.87 25.98 10.22
N ILE F 37 0.34 26.52 10.11
CA ILE F 37 1.52 25.68 10.09
C ILE F 37 1.53 24.79 11.32
N GLN F 38 1.28 25.41 12.47
CA GLN F 38 1.27 24.73 13.74
C GLN F 38 0.24 23.62 13.79
N CYS F 39 -0.98 23.90 13.35
CA CYS F 39 -2.06 22.93 13.40
C CYS F 39 -1.93 21.77 12.38
N VAL F 40 -1.41 22.05 11.19
CA VAL F 40 -1.19 20.99 10.21
C VAL F 40 -0.11 20.05 10.74
N ALA F 41 0.97 20.63 11.27
CA ALA F 41 2.03 19.86 11.91
C ALA F 41 1.46 18.97 13.03
N ALA F 42 0.65 19.56 13.91
CA ALA F 42 0.08 18.81 15.02
C ALA F 42 -0.83 17.67 14.55
N ARG F 43 -1.73 17.94 13.60
CA ARG F 43 -2.63 16.89 13.11
C ARG F 43 -1.87 15.77 12.38
N THR F 44 -0.78 16.13 11.72
CA THR F 44 0.05 15.19 10.97
C THR F 44 0.74 14.20 11.90
N ARG F 45 1.29 14.71 13.00
CA ARG F 45 1.87 13.83 14.01
C ARG F 45 0.83 12.87 14.54
N GLU F 46 -0.35 13.40 14.86
CA GLU F 46 -1.39 12.57 15.44
C GLU F 46 -1.81 11.43 14.52
N LEU F 47 -2.04 11.76 13.26
CA LEU F 47 -2.43 10.75 12.30
C LEU F 47 -1.25 9.79 12.03
N ASP F 48 -0.05 10.33 11.81
CA ASP F 48 1.19 9.53 11.70
C ASP F 48 1.17 8.43 12.75
N ALA F 49 0.81 8.81 13.98
CA ALA F 49 0.95 7.93 15.15
C ALA F 49 -0.18 6.90 15.26
N GLN F 50 -1.13 6.92 14.33
CA GLN F 50 -2.24 5.96 14.37
C GLN F 50 -2.08 4.89 13.28
N LEU F 51 -1.09 5.07 12.42
CA LEU F 51 -0.95 4.20 11.25
C LEU F 51 -0.59 2.75 11.61
N GLN F 52 0.48 2.56 12.38
CA GLN F 52 0.89 1.22 12.81
C GLN F 52 -0.34 0.47 13.32
N ASN F 53 -1.33 1.22 13.77
CA ASN F 53 -2.47 0.68 14.50
C ASN F 53 -3.72 0.35 13.65
N ASP F 54 -3.82 0.93 12.46
CA ASP F 54 -5.00 0.72 11.60
C ASP F 54 -4.90 -0.55 10.76
N ASP F 55 -6.04 -1.02 10.27
CA ASP F 55 -6.05 -2.05 9.24
C ASP F 55 -5.79 -1.41 7.88
N PRO F 56 -5.21 -2.17 6.94
CA PRO F 56 -4.70 -1.64 5.67
C PRO F 56 -5.65 -0.73 4.90
N GLN F 57 -6.94 -1.05 4.87
CA GLN F 57 -7.91 -0.17 4.19
C GLN F 57 -7.92 1.22 4.79
N ASN F 58 -7.96 1.27 6.11
CA ASN F 58 -8.07 2.53 6.82
C ASN F 58 -6.75 3.29 6.78
N ALA F 59 -5.66 2.57 7.03
CA ALA F 59 -4.33 3.15 6.90
C ALA F 59 -4.15 3.78 5.51
N ALA F 60 -4.59 3.10 4.45
CA ALA F 60 -4.42 3.63 3.10
C ALA F 60 -5.15 4.96 2.91
N GLU F 61 -6.40 5.03 3.35
CA GLU F 61 -7.15 6.27 3.20
C GLU F 61 -6.54 7.37 4.07
N LEU F 62 -6.19 7.03 5.30
CA LEU F 62 -5.45 7.94 6.17
C LEU F 62 -4.19 8.49 5.49
N GLU F 63 -3.35 7.62 4.96
CA GLU F 63 -2.08 8.13 4.46
C GLU F 63 -2.23 8.89 3.12
N GLN F 64 -3.33 8.65 2.40
CA GLN F 64 -3.61 9.47 1.22
C GLN F 64 -4.03 10.88 1.64
N LEU F 65 -4.70 10.97 2.78
CA LEU F 65 -5.02 12.24 3.42
C LEU F 65 -3.75 12.96 3.84
N LEU F 66 -2.82 12.21 4.43
CA LEU F 66 -1.53 12.75 4.87
C LEU F 66 -0.67 13.27 3.73
N VAL F 67 -0.76 12.63 2.55
CA VAL F 67 -0.07 13.15 1.38
C VAL F 67 -0.47 14.63 1.16
N GLY F 68 -1.77 14.88 1.15
CA GLY F 68 -2.29 16.25 1.13
C GLY F 68 -1.78 17.14 2.27
N TYR F 69 -1.79 16.65 3.50
CA TYR F 69 -1.26 17.44 4.62
C TYR F 69 0.21 17.82 4.42
N ASP F 70 1.01 16.89 3.91
CA ASP F 70 2.42 17.17 3.71
C ASP F 70 2.65 18.17 2.57
N LEU F 71 1.86 18.07 1.50
CA LEU F 71 1.96 19.04 0.43
C LEU F 71 1.50 20.42 0.92
N ALA F 72 0.46 20.43 1.76
CA ALA F 72 -0.01 21.68 2.37
C ALA F 72 1.07 22.28 3.29
N ALA F 73 1.71 21.45 4.10
CA ALA F 73 2.78 21.98 4.97
C ALA F 73 3.93 22.61 4.18
N ASP F 74 4.32 21.97 3.08
CA ASP F 74 5.38 22.48 2.18
C ASP F 74 4.99 23.83 1.62
N ASP F 75 3.75 23.90 1.16
CA ASP F 75 3.19 25.12 0.61
C ASP F 75 3.15 26.24 1.67
N LEU F 76 2.66 25.90 2.87
CA LEU F 76 2.62 26.86 3.97
C LEU F 76 4.04 27.28 4.38
N LYS F 77 5.01 26.36 4.26
CA LYS F 77 6.39 26.67 4.62
C LYS F 77 7.03 27.70 3.69
N ASN F 78 6.81 27.55 2.38
CA ASN F 78 7.33 28.51 1.41
C ASN F 78 6.79 29.92 1.67
N ALA F 79 5.49 30.02 1.89
CA ALA F 79 4.86 31.30 2.19
C ALA F 79 5.47 31.90 3.44
N TYR F 80 5.64 31.08 4.47
CA TYR F 80 6.25 31.54 5.71
C TYR F 80 7.67 32.07 5.50
N GLU F 81 8.47 31.35 4.70
CA GLU F 81 9.83 31.79 4.41
C GLU F 81 9.82 33.17 3.72
N GLN F 82 8.84 33.36 2.82
CA GLN F 82 8.61 34.68 2.23
C GLN F 82 8.36 35.71 3.32
N ALA F 83 7.29 35.51 4.10
CA ALA F 83 6.92 36.44 5.15
C ALA F 83 8.09 36.79 6.07
N LEU F 84 8.93 35.81 6.38
CA LEU F 84 10.10 36.05 7.23
C LEU F 84 10.98 37.15 6.67
N GLY F 85 10.99 37.29 5.34
CA GLY F 85 11.82 38.27 4.67
C GLY F 85 11.11 39.60 4.52
N GLN F 86 9.93 39.73 5.10
CA GLN F 86 9.13 40.93 4.98
C GLN F 86 8.75 41.53 6.33
N TYR F 87 8.61 40.67 7.34
CA TYR F 87 8.20 41.14 8.66
C TYR F 87 9.25 40.84 9.72
N SER F 88 9.65 41.87 10.45
CA SER F 88 10.53 41.65 11.60
C SER F 88 9.75 40.93 12.68
N GLY F 89 10.48 40.27 13.58
CA GLY F 89 9.88 39.32 14.49
C GLY F 89 9.70 38.00 13.77
N LEU F 90 8.57 37.33 14.03
CA LEU F 90 8.34 36.00 13.47
C LEU F 90 9.45 35.02 13.88
N PRO F 91 9.08 33.99 14.65
CA PRO F 91 10.08 33.01 15.08
C PRO F 91 10.61 32.22 13.89
N PRO F 92 11.75 31.55 14.06
CA PRO F 92 12.26 30.67 13.01
C PRO F 92 11.21 29.60 12.74
N TYR F 93 11.15 29.14 11.49
CA TYR F 93 10.17 28.13 11.10
C TYR F 93 10.26 26.89 11.99
N ASP F 94 11.48 26.49 12.32
CA ASP F 94 11.71 25.31 13.16
C ASP F 94 11.10 25.43 14.56
N ARG F 95 11.30 26.57 15.22
CA ARG F 95 10.72 26.81 16.55
C ARG F 95 9.19 26.96 16.45
N LEU F 96 8.66 26.77 15.25
CA LEU F 96 7.24 26.95 15.01
C LEU F 96 6.57 25.59 14.74
N ILE F 97 7.37 24.57 14.48
CA ILE F 97 6.88 23.19 14.39
C ILE F 97 7.55 22.30 15.44
#